data_6CR9
#
_entry.id   6CR9
#
_cell.length_a   50.748
_cell.length_b   79.466
_cell.length_c   55.651
_cell.angle_alpha   90.000
_cell.angle_beta   107.610
_cell.angle_gamma   90.000
#
_symmetry.space_group_name_H-M   'P 1 21 1'
#
loop_
_entity.id
_entity.type
_entity.pdbx_description
1 polymer 'Template Strand'
2 polymer 'Primer Strand'
3 polymer 'Downstream Primer Strand'
4 polymer 'DNA polymerase beta'
5 non-polymer 9-{5-O-[(R)-{[(R)-[(S)-chloro(fluoro)phosphonomethyl](hydroxy)phosphoryl]oxy}(hydroxy)phosphoryl]-2-deoxy-alpha-D-threo-pentofuranosyl}-9H-purin-6-amine
6 non-polymer 'MAGNESIUM ION'
7 non-polymer 'SODIUM ION'
8 non-polymer 'CHLORIDE ION'
9 water water
#
loop_
_entity_poly.entity_id
_entity_poly.type
_entity_poly.pdbx_seq_one_letter_code
_entity_poly.pdbx_strand_id
1 'polydeoxyribonucleotide' (DC)(DC)(DG)(DA)(DC)(DT)(DG)(DC)(DG)(DC)(DA)(DT)(DC)(DA)(DG)(DC) T
2 'polydeoxyribonucleotide' (DG)(DC)(DT)(DG)(DA)(DT)(DG)(DC)(DG)(DOC) P
3 'polydeoxyribonucleotide' (DG)(DT)(DC)(DG)(DG) D
4 'polypeptide(L)'
;MSKRKAPQETLNGGITDMLTELANFEKNVSQAIHKYNAYRKAASVIAKYPHKIKSGAEAKKLPGVGTKIAEKIDEFLATG
KLRKLEKIRQDDTSSSINFLTRVSGIGPSAARKFVDEGIKTLEDLRKNEDKLNHHQRIGLKYFGDFEKRIPREEMLQMQD
IVLNEVKKVDSEYIATVCGSFRRGAESSGDMDVLLTHPSFTSESTKQPKLLHQVVEQLQKVHFITDTLSKGETKFMGVCQ
LPSKNDEKEYPHRRIDIRLIPKDQYYCGVLYFTGSDIFNKNMRAHALEKGFTINEYTIRPLGVTGVAGEPLPVDSEKDIF
DYIQWKYREPKDRSE
;
A
#
loop_
_chem_comp.id
_chem_comp.type
_chem_comp.name
_chem_comp.formula
CL non-polymer 'CHLORIDE ION' 'Cl -1'
DA DNA linking 2'-DEOXYADENOSINE-5'-MONOPHOSPHATE 'C10 H14 N5 O6 P'
DC DNA linking 2'-DEOXYCYTIDINE-5'-MONOPHOSPHATE 'C9 H14 N3 O7 P'
DG DNA linking 2'-DEOXYGUANOSINE-5'-MONOPHOSPHATE 'C10 H14 N5 O7 P'
DOC DNA linking 2',3'-DIDEOXYCYTIDINE-5'-MONOPHOSPHATE 'C9 H14 N3 O6 P'
DT DNA linking THYMIDINE-5'-MONOPHOSPHATE 'C10 H15 N2 O8 P'
MG non-polymer 'MAGNESIUM ION' 'Mg 2'
NA non-polymer 'SODIUM ION' 'Na 1'
VA5 non-polymer 9-{5-O-[(R)-{[(R)-[(S)-chloro(fluoro)phosphonomethyl](hydroxy)phosphoryl]oxy}(hydroxy)phosphoryl]-2-deoxy-alpha-D-threo-pentofuranosyl}-9H-purin-6-amine 'C11 H16 Cl F N5 O11 P3'
#
# COMPACT_ATOMS: atom_id res chain seq x y z
N1 DOC B 10 2.76 3.21 3.17
C2 DOC B 10 3.83 2.77 3.94
N3 DOC B 10 3.59 2.14 5.12
C4 DOC B 10 2.34 1.93 5.51
C5 DOC B 10 1.21 2.36 4.73
C6 DOC B 10 1.47 3.00 3.57
O2 DOC B 10 4.98 2.97 3.53
N4 DOC B 10 2.17 1.29 6.69
C1' DOC B 10 3.07 3.92 1.88
C2' DOC B 10 3.32 3.00 0.68
C3' DOC B 10 2.06 3.20 -0.17
C4' DOC B 10 1.74 4.66 0.13
O4' DOC B 10 1.99 4.79 1.54
C5' DOC B 10 0.34 5.11 -0.21
O5' DOC B 10 -0.62 4.50 0.63
P DOC B 10 -2.01 5.23 0.83
OP1 DOC B 10 -2.39 5.81 -0.46
OP2 DOC B 10 -2.90 4.28 1.51
N THR D 10 -12.98 -16.29 -4.13
CA THR D 10 -11.79 -17.07 -3.74
C THR D 10 -12.17 -18.27 -2.85
N LEU D 11 -11.17 -19.12 -2.59
CA LEU D 11 -11.43 -20.43 -1.96
C LEU D 11 -11.97 -20.28 -0.54
N ASN D 12 -11.35 -19.42 0.25
CA ASN D 12 -11.77 -19.17 1.62
C ASN D 12 -12.14 -17.69 1.80
N GLY D 13 -12.86 -17.12 0.83
CA GLY D 13 -13.12 -15.69 0.84
C GLY D 13 -13.89 -15.23 2.06
N GLY D 14 -14.85 -16.05 2.52
CA GLY D 14 -15.63 -15.66 3.70
C GLY D 14 -14.76 -15.49 4.94
N ILE D 15 -13.81 -16.40 5.16
CA ILE D 15 -12.93 -16.33 6.32
C ILE D 15 -11.99 -15.15 6.19
N THR D 16 -11.36 -14.99 5.03
CA THR D 16 -10.41 -13.88 4.89
C THR D 16 -11.10 -12.53 4.96
N ASP D 17 -12.33 -12.43 4.42
CA ASP D 17 -13.11 -11.21 4.60
C ASP D 17 -13.34 -10.91 6.08
N MET D 18 -13.72 -11.93 6.85
CA MET D 18 -13.97 -11.75 8.29
C MET D 18 -12.71 -11.30 9.01
N LEU D 19 -11.57 -11.92 8.69
CA LEU D 19 -10.32 -11.53 9.34
C LEU D 19 -9.90 -10.12 8.94
N THR D 20 -10.19 -9.72 7.71
CA THR D 20 -9.83 -8.37 7.29
C THR D 20 -10.68 -7.33 8.00
N GLU D 21 -11.98 -7.61 8.17
CA GLU D 21 -12.86 -6.72 8.91
C GLU D 21 -12.41 -6.58 10.36
N LEU D 22 -12.02 -7.69 10.99
CA LEU D 22 -11.43 -7.66 12.32
C LEU D 22 -10.16 -6.82 12.35
N ALA D 23 -9.27 -7.01 11.35
CA ALA D 23 -8.05 -6.21 11.29
C ALA D 23 -8.38 -4.73 11.24
N ASN D 24 -9.32 -4.35 10.38
CA ASN D 24 -9.68 -2.95 10.24
C ASN D 24 -10.29 -2.39 11.51
N PHE D 25 -11.07 -3.21 12.23
CA PHE D 25 -11.62 -2.79 13.53
C PHE D 25 -10.51 -2.49 14.52
N GLU D 26 -9.52 -3.39 14.63
CA GLU D 26 -8.45 -3.20 15.60
C GLU D 26 -7.60 -1.99 15.26
N LYS D 27 -7.27 -1.80 13.99
CA LYS D 27 -6.55 -0.59 13.58
C LYS D 27 -7.37 0.67 13.84
N ASN D 28 -8.58 0.72 13.28
CA ASN D 28 -9.32 1.99 13.21
C ASN D 28 -9.95 2.35 14.55
N VAL D 29 -10.53 1.37 15.26
CA VAL D 29 -11.33 1.64 16.45
C VAL D 29 -10.50 1.42 17.70
N SER D 30 -9.95 0.22 17.83
CA SER D 30 -9.14 -0.11 19.00
C SER D 30 -7.79 0.58 18.97
N GLN D 31 -7.33 1.03 17.80
CA GLN D 31 -5.98 1.57 17.65
C GLN D 31 -4.96 0.59 18.21
N ALA D 32 -5.08 -0.67 17.80
CA ALA D 32 -4.24 -1.75 18.28
C ALA D 32 -3.44 -2.29 17.09
N ILE D 33 -2.29 -1.67 16.79
CA ILE D 33 -1.64 -1.91 15.51
C ILE D 33 -1.14 -3.35 15.40
N HIS D 34 -0.74 -3.98 16.50
CA HIS D 34 -0.20 -5.32 16.38
C HIS D 34 -1.30 -6.35 16.13
N LYS D 35 -2.48 -6.14 16.73
CA LYS D 35 -3.62 -7.01 16.41
C LYS D 35 -4.03 -6.84 14.97
N TYR D 36 -4.00 -5.59 14.48
CA TYR D 36 -4.29 -5.33 13.08
C TYR D 36 -3.36 -6.13 12.18
N ASN D 37 -2.06 -6.10 12.49
CA ASN D 37 -1.08 -6.81 11.67
C ASN D 37 -1.23 -8.31 11.81
N ALA D 38 -1.63 -8.78 12.99
CA ALA D 38 -1.81 -10.22 13.20
C ALA D 38 -3.00 -10.74 12.41
N TYR D 39 -4.10 -10.00 12.40
CA TYR D 39 -5.24 -10.40 11.58
C TYR D 39 -4.89 -10.37 10.10
N ARG D 40 -4.15 -9.37 9.65
CA ARG D 40 -3.77 -9.33 8.23
C ARG D 40 -2.85 -10.50 7.88
N LYS D 41 -1.95 -10.85 8.80
CA LYS D 41 -1.06 -11.98 8.54
C LYS D 41 -1.85 -13.27 8.40
N ALA D 42 -2.84 -13.48 9.28
CA ALA D 42 -3.64 -14.70 9.21
C ALA D 42 -4.51 -14.71 7.96
N ALA D 43 -5.10 -13.56 7.62
CA ALA D 43 -5.88 -13.49 6.40
C ALA D 43 -5.02 -13.82 5.18
N SER D 44 -3.79 -13.30 5.15
CA SER D 44 -2.91 -13.54 4.02
C SER D 44 -2.53 -15.01 3.92
N VAL D 45 -2.21 -15.64 5.05
CA VAL D 45 -1.76 -17.03 5.01
C VAL D 45 -2.92 -17.94 4.60
N ILE D 46 -4.14 -17.61 5.05
CA ILE D 46 -5.31 -18.37 4.65
C ILE D 46 -5.64 -18.16 3.18
N ALA D 47 -5.42 -16.94 2.67
CA ALA D 47 -5.78 -16.66 1.28
C ALA D 47 -4.90 -17.44 0.30
N LYS D 48 -3.66 -17.79 0.68
CA LYS D 48 -2.82 -18.54 -0.24
C LYS D 48 -3.03 -20.05 -0.12
N TYR D 49 -3.68 -20.49 0.96
CA TYR D 49 -3.84 -21.91 1.27
C TYR D 49 -4.70 -22.57 0.19
N PRO D 50 -4.23 -23.66 -0.46
CA PRO D 50 -4.90 -24.13 -1.68
C PRO D 50 -6.00 -25.16 -1.41
N HIS D 51 -6.62 -25.10 -0.24
CA HIS D 51 -7.75 -25.96 0.10
C HIS D 51 -8.85 -25.14 0.75
N LYS D 52 -10.09 -25.53 0.49
CA LYS D 52 -11.23 -24.95 1.19
C LYS D 52 -11.21 -25.42 2.64
N ILE D 53 -11.03 -24.49 3.58
CA ILE D 53 -10.80 -24.86 4.97
C ILE D 53 -12.07 -25.49 5.54
N LYS D 54 -11.89 -26.59 6.30
CA LYS D 54 -13.01 -27.32 6.87
C LYS D 54 -13.18 -27.10 8.37
N SER D 55 -12.19 -26.52 9.05
CA SER D 55 -12.27 -26.38 10.50
C SER D 55 -11.20 -25.41 10.96
N GLY D 56 -11.41 -24.86 12.16
CA GLY D 56 -10.42 -23.97 12.74
C GLY D 56 -9.14 -24.69 13.10
N ALA D 57 -9.24 -25.99 13.40
CA ALA D 57 -8.04 -26.77 13.72
C ALA D 57 -7.15 -26.92 12.48
N GLU D 58 -7.77 -27.10 11.31
CA GLU D 58 -7.00 -27.17 10.07
C GLU D 58 -6.34 -25.84 9.75
N ALA D 59 -7.01 -24.73 10.05
CA ALA D 59 -6.40 -23.42 9.81
C ALA D 59 -5.27 -23.16 10.79
N LYS D 60 -5.43 -23.58 12.04
CA LYS D 60 -4.43 -23.33 13.08
C LYS D 60 -3.06 -23.92 12.75
N LYS D 61 -3.02 -24.93 11.88
CA LYS D 61 -1.75 -25.43 11.34
C LYS D 61 -0.95 -24.37 10.62
N LEU D 62 -1.61 -23.31 10.12
CA LEU D 62 -0.89 -22.31 9.34
C LEU D 62 -0.20 -21.29 10.26
N PRO D 63 0.95 -20.78 9.84
CA PRO D 63 1.67 -19.80 10.68
C PRO D 63 0.96 -18.46 10.67
N GLY D 64 0.66 -17.95 11.86
CA GLY D 64 -0.09 -16.73 12.03
C GLY D 64 -1.52 -16.96 12.50
N VAL D 65 -2.03 -18.17 12.34
CA VAL D 65 -3.34 -18.54 12.87
C VAL D 65 -3.12 -19.23 14.20
N GLY D 66 -3.72 -18.70 15.26
CA GLY D 66 -3.57 -19.26 16.58
C GLY D 66 -4.88 -19.75 17.15
N THR D 67 -4.97 -19.85 18.48
CA THR D 67 -6.17 -20.41 19.10
C THR D 67 -7.38 -19.53 18.85
N LYS D 68 -7.25 -18.21 19.05
CA LYS D 68 -8.40 -17.32 18.98
C LYS D 68 -8.97 -17.25 17.57
N ILE D 69 -8.11 -17.19 16.55
CA ILE D 69 -8.64 -17.13 15.19
C ILE D 69 -9.23 -18.48 14.79
N ALA D 70 -8.63 -19.57 15.27
CA ALA D 70 -9.21 -20.88 14.98
C ALA D 70 -10.64 -20.99 15.52
N GLU D 71 -10.88 -20.48 16.74
CA GLU D 71 -12.23 -20.50 17.29
C GLU D 71 -13.19 -19.67 16.46
N LYS D 72 -12.74 -18.50 15.98
CA LYS D 72 -13.61 -17.68 15.16
C LYS D 72 -13.94 -18.36 13.84
N ILE D 73 -12.94 -19.04 13.26
CA ILE D 73 -13.16 -19.77 12.02
C ILE D 73 -14.20 -20.88 12.24
N ASP D 74 -14.17 -21.55 13.40
CA ASP D 74 -15.18 -22.58 13.69
C ASP D 74 -16.57 -21.97 13.78
N GLU D 75 -16.71 -20.85 14.50
CA GLU D 75 -18.00 -20.17 14.54
C GLU D 75 -18.48 -19.78 13.14
N PHE D 76 -17.58 -19.19 12.35
CA PHE D 76 -17.97 -18.71 11.03
C PHE D 76 -18.36 -19.87 10.12
N LEU D 77 -17.65 -20.99 10.22
CA LEU D 77 -17.99 -22.14 9.40
C LEU D 77 -19.32 -22.75 9.82
N ALA D 78 -19.61 -22.73 11.11
CA ALA D 78 -20.85 -23.33 11.61
C ALA D 78 -22.06 -22.47 11.26
N THR D 79 -21.91 -21.15 11.32
CA THR D 79 -23.05 -20.24 11.29
C THR D 79 -23.05 -19.27 10.12
N GLY D 80 -21.93 -19.07 9.44
CA GLY D 80 -21.84 -18.07 8.39
C GLY D 80 -21.62 -16.66 8.87
N LYS D 81 -21.46 -16.46 10.18
CA LYS D 81 -21.32 -15.12 10.74
C LYS D 81 -20.39 -15.20 11.95
N LEU D 82 -20.04 -14.04 12.47
CA LEU D 82 -19.28 -13.93 13.71
C LEU D 82 -19.99 -12.93 14.61
N ARG D 83 -20.47 -13.40 15.76
CA ARG D 83 -21.22 -12.53 16.67
C ARG D 83 -20.42 -11.28 17.03
N LYS D 84 -19.11 -11.44 17.26
CA LYS D 84 -18.25 -10.30 17.54
C LYS D 84 -18.37 -9.23 16.45
N LEU D 85 -18.36 -9.64 15.18
CA LEU D 85 -18.46 -8.66 14.12
C LEU D 85 -19.89 -8.12 13.98
N GLU D 86 -20.90 -8.98 14.18
CA GLU D 86 -22.27 -8.50 14.12
C GLU D 86 -22.52 -7.39 15.13
N LYS D 87 -21.92 -7.52 16.32
CA LYS D 87 -22.10 -6.47 17.32
C LYS D 87 -21.30 -5.23 16.96
N ILE D 88 -20.07 -5.40 16.47
CA ILE D 88 -19.30 -4.26 16.02
C ILE D 88 -20.05 -3.47 14.95
N ARG D 89 -20.68 -4.18 14.00
CA ARG D 89 -21.39 -3.52 12.92
C ARG D 89 -22.57 -2.70 13.41
N GLN D 90 -23.08 -3.01 14.61
CA GLN D 90 -24.22 -2.29 15.19
C GLN D 90 -23.80 -1.15 16.10
N ASP D 91 -22.53 -1.09 16.50
CA ASP D 91 -22.04 -0.02 17.37
C ASP D 91 -21.85 1.25 16.54
N ASP D 92 -22.57 2.32 16.92
CA ASP D 92 -22.54 3.54 16.12
C ASP D 92 -21.16 4.19 16.12
N THR D 93 -20.49 4.22 17.27
CA THR D 93 -19.17 4.82 17.32
C THR D 93 -18.17 4.05 16.45
N SER D 94 -18.17 2.71 16.53
CA SER D 94 -17.30 1.95 15.65
C SER D 94 -17.68 2.18 14.19
N SER D 95 -18.98 2.18 13.89
CA SER D 95 -19.44 2.44 12.53
C SER D 95 -18.96 3.80 12.04
N SER D 96 -19.14 4.84 12.87
CA SER D 96 -18.73 6.18 12.45
C SER D 96 -17.24 6.25 12.21
N ILE D 97 -16.43 5.69 13.12
CA ILE D 97 -14.98 5.76 12.98
C ILE D 97 -14.52 4.99 11.74
N ASN D 98 -15.06 3.78 11.54
CA ASN D 98 -14.67 3.01 10.36
C ASN D 98 -15.00 3.77 9.08
N PHE D 99 -16.14 4.47 9.05
CA PHE D 99 -16.45 5.24 7.85
C PHE D 99 -15.45 6.38 7.65
N LEU D 100 -15.23 7.19 8.69
CA LEU D 100 -14.39 8.38 8.53
C LEU D 100 -12.98 8.02 8.08
N THR D 101 -12.44 6.89 8.56
CA THR D 101 -11.09 6.53 8.14
C THR D 101 -11.00 6.16 6.67
N ARG D 102 -12.13 5.94 6.00
CA ARG D 102 -12.06 5.65 4.57
C ARG D 102 -11.64 6.87 3.75
N VAL D 103 -11.71 8.06 4.33
CA VAL D 103 -11.19 9.27 3.68
C VAL D 103 -9.68 9.32 3.84
N SER D 104 -8.96 9.43 2.73
CA SER D 104 -7.50 9.53 2.79
C SER D 104 -7.07 10.74 3.60
N GLY D 105 -6.16 10.52 4.55
CA GLY D 105 -5.74 11.55 5.49
C GLY D 105 -6.46 11.52 6.83
N ILE D 106 -7.60 10.84 6.92
CA ILE D 106 -8.28 10.67 8.21
C ILE D 106 -7.89 9.29 8.74
N GLY D 107 -7.08 9.26 9.78
CA GLY D 107 -6.67 8.01 10.37
C GLY D 107 -7.47 7.72 11.61
N PRO D 108 -7.06 6.69 12.37
CA PRO D 108 -7.77 6.35 13.60
C PRO D 108 -7.91 7.49 14.60
N SER D 109 -6.86 8.29 14.82
CA SER D 109 -6.98 9.36 15.81
C SER D 109 -7.93 10.46 15.34
N ALA D 110 -7.74 10.95 14.11
CA ALA D 110 -8.57 12.05 13.64
C ALA D 110 -10.04 11.64 13.53
N ALA D 111 -10.29 10.39 13.12
CA ALA D 111 -11.68 9.93 13.02
C ALA D 111 -12.38 9.96 14.37
N ARG D 112 -11.71 9.47 15.41
CA ARG D 112 -12.31 9.46 16.74
C ARG D 112 -12.54 10.89 17.24
N LYS D 113 -11.58 11.77 16.99
CA LYS D 113 -11.74 13.17 17.37
C LYS D 113 -12.89 13.83 16.62
N PHE D 114 -13.02 13.55 15.31
CA PHE D 114 -14.15 14.10 14.56
C PHE D 114 -15.48 13.63 15.13
N VAL D 115 -15.58 12.34 15.50
CA VAL D 115 -16.82 11.85 16.10
C VAL D 115 -17.10 12.57 17.42
N ASP D 116 -16.06 12.77 18.25
CA ASP D 116 -16.22 13.55 19.47
C ASP D 116 -16.86 14.89 19.20
N GLU D 117 -16.42 15.57 18.14
CA GLU D 117 -16.93 16.87 17.75
C GLU D 117 -18.23 16.81 16.96
N GLY D 118 -18.84 15.64 16.80
CA GLY D 118 -20.09 15.54 16.08
C GLY D 118 -19.98 15.55 14.57
N ILE D 119 -18.78 15.31 14.04
CA ILE D 119 -18.57 15.19 12.60
C ILE D 119 -18.46 13.70 12.32
N LYS D 120 -19.53 13.12 11.74
CA LYS D 120 -19.68 11.67 11.65
C LYS D 120 -20.08 11.16 10.28
N THR D 121 -20.48 12.03 9.36
CA THR D 121 -21.00 11.58 8.08
C THR D 121 -20.25 12.30 6.97
N LEU D 122 -20.52 11.87 5.74
CA LEU D 122 -19.98 12.54 4.58
C LEU D 122 -20.54 13.97 4.48
N GLU D 123 -21.80 14.14 4.85
CA GLU D 123 -22.40 15.49 4.85
C GLU D 123 -21.73 16.38 5.88
N ASP D 124 -21.44 15.84 7.06
CA ASP D 124 -20.71 16.59 8.08
C ASP D 124 -19.34 17.02 7.60
N LEU D 125 -18.60 16.09 7.00
CA LEU D 125 -17.29 16.44 6.46
C LEU D 125 -17.39 17.58 5.46
N ARG D 126 -18.32 17.47 4.51
CA ARG D 126 -18.44 18.47 3.45
C ARG D 126 -18.86 19.83 4.00
N LYS D 127 -19.65 19.83 5.08
CA LYS D 127 -20.03 21.05 5.77
C LYS D 127 -18.91 21.64 6.62
N ASN D 128 -17.84 20.88 6.90
CA ASN D 128 -16.76 21.32 7.78
C ASN D 128 -15.40 21.20 7.11
N GLU D 129 -15.28 21.62 5.84
CA GLU D 129 -13.99 21.49 5.15
C GLU D 129 -12.90 22.29 5.83
N ASP D 130 -13.25 23.39 6.51
CA ASP D 130 -12.23 24.20 7.15
C ASP D 130 -11.64 23.54 8.39
N LYS D 131 -12.20 22.42 8.83
CA LYS D 131 -11.63 21.64 9.92
C LYS D 131 -10.69 20.54 9.43
N LEU D 132 -10.54 20.39 8.11
CA LEU D 132 -9.69 19.37 7.53
C LEU D 132 -8.34 19.97 7.14
N ASN D 133 -7.27 19.19 7.29
CA ASN D 133 -5.99 19.60 6.76
C ASN D 133 -5.98 19.36 5.24
N HIS D 134 -4.90 19.76 4.57
CA HIS D 134 -4.88 19.70 3.11
C HIS D 134 -5.14 18.29 2.60
N HIS D 135 -4.38 17.31 3.12
CA HIS D 135 -4.55 15.92 2.70
C HIS D 135 -6.00 15.47 2.84
N GLN D 136 -6.60 15.71 4.01
CA GLN D 136 -7.97 15.29 4.26
C GLN D 136 -8.94 15.97 3.29
N ARG D 137 -8.71 17.26 3.02
CA ARG D 137 -9.56 18.00 2.11
C ARG D 137 -9.58 17.39 0.71
N ILE D 138 -8.41 16.96 0.22
CA ILE D 138 -8.33 16.32 -1.09
C ILE D 138 -8.93 14.92 -1.03
N GLY D 139 -8.67 14.19 0.06
CA GLY D 139 -9.30 12.88 0.22
C GLY D 139 -10.82 12.96 0.22
N LEU D 140 -11.37 14.01 0.83
CA LEU D 140 -12.82 14.16 0.81
C LEU D 140 -13.31 14.48 -0.60
N LYS D 141 -12.61 15.39 -1.29
CA LYS D 141 -13.01 15.80 -2.64
C LYS D 141 -13.15 14.59 -3.56
N TYR D 142 -12.23 13.63 -3.47
CA TYR D 142 -12.22 12.48 -4.35
C TYR D 142 -12.64 11.21 -3.62
N PHE D 143 -13.45 11.36 -2.57
CA PHE D 143 -13.84 10.19 -1.79
C PHE D 143 -14.38 9.08 -2.68
N GLY D 144 -15.31 9.43 -3.58
CA GLY D 144 -15.90 8.40 -4.42
C GLY D 144 -14.90 7.83 -5.42
N ASP D 145 -14.14 8.71 -6.09
CA ASP D 145 -13.20 8.24 -7.10
C ASP D 145 -12.17 7.30 -6.50
N PHE D 146 -11.70 7.58 -5.28
CA PHE D 146 -10.60 6.82 -4.69
C PHE D 146 -11.01 5.42 -4.26
N GLU D 147 -12.31 5.12 -4.23
CA GLU D 147 -12.75 3.75 -3.98
C GLU D 147 -12.92 2.94 -5.26
N LYS D 148 -12.78 3.57 -6.42
CA LYS D 148 -12.83 2.86 -7.68
C LYS D 148 -11.48 2.23 -7.98
N ARG D 149 -11.50 1.04 -8.57
CA ARG D 149 -10.25 0.44 -8.99
C ARG D 149 -9.91 0.85 -10.41
N ILE D 150 -8.67 0.62 -10.80
CA ILE D 150 -8.11 1.06 -12.07
C ILE D 150 -7.91 -0.17 -12.96
N PRO D 151 -8.60 -0.27 -14.09
CA PRO D 151 -8.35 -1.41 -14.99
C PRO D 151 -6.91 -1.35 -15.49
N ARG D 152 -6.31 -2.53 -15.67
CA ARG D 152 -4.94 -2.56 -16.20
C ARG D 152 -4.82 -1.79 -17.51
N GLU D 153 -5.87 -1.81 -18.34
CA GLU D 153 -5.85 -1.04 -19.58
C GLU D 153 -5.63 0.44 -19.31
N GLU D 154 -6.28 1.00 -18.29
CA GLU D 154 -6.00 2.39 -17.92
C GLU D 154 -4.61 2.54 -17.31
N MET D 155 -4.14 1.54 -16.56
CA MET D 155 -2.79 1.63 -16.02
C MET D 155 -1.75 1.73 -17.13
N LEU D 156 -1.98 1.02 -18.24
CA LEU D 156 -1.07 1.10 -19.38
C LEU D 156 -1.07 2.49 -20.02
N GLN D 157 -2.26 3.08 -20.21
CA GLN D 157 -2.34 4.45 -20.67
C GLN D 157 -1.62 5.40 -19.72
N MET D 158 -1.82 5.22 -18.41
CA MET D 158 -1.18 6.09 -17.43
C MET D 158 0.33 5.92 -17.47
N GLN D 159 0.79 4.67 -17.57
CA GLN D 159 2.22 4.38 -17.71
C GLN D 159 2.80 5.10 -18.92
N ASP D 160 2.08 5.09 -20.03
CA ASP D 160 2.61 5.69 -21.26
C ASP D 160 2.78 7.20 -21.11
N ILE D 161 1.83 7.87 -20.44
CA ILE D 161 1.97 9.30 -20.18
C ILE D 161 3.16 9.56 -19.27
N VAL D 162 3.21 8.88 -18.12
CA VAL D 162 4.26 9.14 -17.15
C VAL D 162 5.64 8.92 -17.78
N LEU D 163 5.83 7.80 -18.46
CA LEU D 163 7.16 7.51 -19.01
C LEU D 163 7.53 8.50 -20.11
N ASN D 164 6.57 8.90 -20.94
CA ASN D 164 6.91 9.82 -22.01
C ASN D 164 7.14 11.22 -21.48
N GLU D 165 6.39 11.65 -20.46
CA GLU D 165 6.59 13.00 -19.95
C GLU D 165 7.91 13.10 -19.20
N VAL D 166 8.23 12.05 -18.45
CA VAL D 166 9.51 12.00 -17.76
C VAL D 166 10.66 12.07 -18.78
N LYS D 167 10.51 11.36 -19.90
CA LYS D 167 11.53 11.37 -20.94
C LYS D 167 11.71 12.78 -21.51
N LYS D 168 10.62 13.54 -21.63
CA LYS D 168 10.72 14.90 -22.15
C LYS D 168 11.51 15.81 -21.21
N VAL D 169 11.41 15.59 -19.90
CA VAL D 169 12.17 16.40 -18.95
C VAL D 169 13.66 16.11 -19.06
N ASP D 170 14.02 14.82 -19.08
CA ASP D 170 15.42 14.42 -19.09
C ASP D 170 15.43 12.96 -19.51
N SER D 171 16.07 12.65 -20.63
CA SER D 171 16.03 11.29 -21.15
C SER D 171 16.83 10.31 -20.29
N GLU D 172 17.56 10.78 -19.27
CA GLU D 172 18.28 9.89 -18.38
C GLU D 172 17.43 9.43 -17.19
N TYR D 173 16.26 10.00 -16.98
CA TYR D 173 15.35 9.43 -15.99
C TYR D 173 14.93 8.03 -16.40
N ILE D 174 14.73 7.17 -15.41
CA ILE D 174 14.01 5.92 -15.61
C ILE D 174 12.85 5.90 -14.62
N ALA D 175 11.63 5.77 -15.15
CA ALA D 175 10.43 5.61 -14.33
C ALA D 175 9.94 4.17 -14.49
N THR D 176 9.60 3.54 -13.37
CA THR D 176 9.15 2.15 -13.35
C THR D 176 7.85 2.07 -12.55
N VAL D 177 6.78 1.58 -13.19
CA VAL D 177 5.52 1.38 -12.47
C VAL D 177 5.60 0.08 -11.68
N CYS D 178 5.35 0.18 -10.37
CA CYS D 178 5.52 -0.98 -9.50
C CYS D 178 4.17 -1.35 -8.91
N GLY D 179 4.13 -1.66 -7.62
CA GLY D 179 2.82 -2.06 -7.09
C GLY D 179 2.26 -3.33 -7.74
N SER D 180 0.95 -3.50 -7.60
CA SER D 180 0.28 -4.67 -8.18
C SER D 180 0.42 -4.69 -9.70
N PHE D 181 0.55 -3.52 -10.34
CA PHE D 181 0.76 -3.51 -11.80
C PHE D 181 1.97 -4.35 -12.18
N ARG D 182 3.10 -4.11 -11.53
CA ARG D 182 4.31 -4.88 -11.82
C ARG D 182 4.13 -6.35 -11.45
N ARG D 183 3.26 -6.66 -10.49
CA ARG D 183 2.93 -8.05 -10.17
C ARG D 183 1.96 -8.67 -11.16
N GLY D 184 1.54 -7.94 -12.19
CA GLY D 184 0.72 -8.51 -13.24
C GLY D 184 -0.77 -8.47 -13.03
N ALA D 185 -1.25 -7.75 -12.00
CA ALA D 185 -2.67 -7.72 -11.69
C ALA D 185 -3.49 -7.04 -12.80
N GLU D 186 -4.70 -7.54 -13.02
CA GLU D 186 -5.62 -6.98 -14.01
C GLU D 186 -6.29 -5.69 -13.56
N SER D 187 -6.08 -5.28 -12.31
CA SER D 187 -6.58 -4.00 -11.84
C SER D 187 -5.74 -3.58 -10.63
N SER D 188 -5.62 -2.27 -10.44
CA SER D 188 -4.87 -1.73 -9.32
C SER D 188 -5.68 -0.68 -8.58
N GLY D 189 -5.36 -0.50 -7.29
CA GLY D 189 -5.99 0.54 -6.51
C GLY D 189 -5.43 1.93 -6.78
N ASP D 190 -4.15 2.02 -7.16
CA ASP D 190 -3.49 3.30 -7.45
C ASP D 190 -2.32 3.02 -8.39
N MET D 191 -1.50 4.04 -8.67
CA MET D 191 -0.29 3.86 -9.47
C MET D 191 0.94 4.24 -8.66
N ASP D 192 1.91 3.34 -8.60
CA ASP D 192 3.16 3.53 -7.89
C ASP D 192 4.28 3.62 -8.92
N VAL D 193 5.04 4.71 -8.87
CA VAL D 193 6.10 4.99 -9.85
C VAL D 193 7.42 5.11 -9.10
N LEU D 194 8.38 4.25 -9.46
CA LEU D 194 9.73 4.38 -8.96
C LEU D 194 10.53 5.20 -9.95
N LEU D 195 11.28 6.18 -9.46
CA LEU D 195 12.02 7.09 -10.33
C LEU D 195 13.49 7.07 -9.96
N THR D 196 14.37 6.99 -10.96
CA THR D 196 15.79 7.19 -10.77
C THR D 196 16.32 8.19 -11.78
N HIS D 197 17.48 8.77 -11.46
CA HIS D 197 18.21 9.65 -12.33
C HIS D 197 19.66 9.48 -11.95
N PRO D 198 20.58 9.36 -12.93
CA PRO D 198 21.98 9.11 -12.57
C PRO D 198 22.59 10.19 -11.70
N SER D 199 22.00 11.40 -11.65
CA SER D 199 22.53 12.45 -10.79
C SER D 199 22.31 12.21 -9.30
N PHE D 200 21.39 11.34 -8.94
CA PHE D 200 21.05 11.09 -7.54
C PHE D 200 21.52 9.68 -7.22
N THR D 201 22.57 9.57 -6.42
CA THR D 201 23.06 8.29 -5.94
C THR D 201 23.20 8.35 -4.43
N SER D 202 23.55 7.19 -3.85
CA SER D 202 23.86 7.14 -2.43
C SER D 202 25.10 7.96 -2.08
N GLU D 203 25.92 8.33 -3.07
CA GLU D 203 27.14 9.08 -2.81
C GLU D 203 26.94 10.58 -2.90
N SER D 204 26.03 11.05 -3.76
CA SER D 204 25.84 12.49 -3.88
C SER D 204 24.55 12.78 -4.62
N THR D 205 24.08 14.02 -4.46
CA THR D 205 22.97 14.57 -5.24
C THR D 205 23.55 15.70 -6.06
N LYS D 206 23.83 15.44 -7.34
CA LYS D 206 24.50 16.40 -8.19
C LYS D 206 23.54 17.36 -8.88
N GLN D 207 22.24 17.15 -8.73
CA GLN D 207 21.29 18.01 -9.39
C GLN D 207 20.09 18.17 -8.45
N PRO D 208 19.65 19.41 -8.20
CA PRO D 208 18.48 19.61 -7.33
C PRO D 208 17.18 19.43 -8.12
N LYS D 209 16.07 19.48 -7.39
CA LYS D 209 14.71 19.51 -7.95
C LYS D 209 14.43 18.34 -8.89
N LEU D 210 15.11 17.19 -8.70
CA LEU D 210 14.93 16.07 -9.60
C LEU D 210 13.48 15.57 -9.61
N LEU D 211 12.88 15.42 -8.42
CA LEU D 211 11.49 15.02 -8.33
C LEU D 211 10.55 16.16 -8.71
N HIS D 212 10.87 17.37 -8.24
CA HIS D 212 10.01 18.53 -8.50
C HIS D 212 9.79 18.74 -10.00
N GLN D 213 10.86 18.66 -10.80
CA GLN D 213 10.76 18.89 -12.24
C GLN D 213 9.84 17.87 -12.91
N VAL D 214 9.89 16.62 -12.46
CA VAL D 214 8.97 15.62 -13.01
C VAL D 214 7.54 15.95 -12.60
N VAL D 215 7.34 16.29 -11.33
CA VAL D 215 6.00 16.61 -10.86
C VAL D 215 5.41 17.80 -11.63
N GLU D 216 6.20 18.86 -11.80
CA GLU D 216 5.68 20.05 -12.50
C GLU D 216 5.33 19.75 -13.96
N GLN D 217 6.14 18.93 -14.64
CA GLN D 217 5.84 18.54 -16.01
C GLN D 217 4.54 17.76 -16.10
N LEU D 218 4.35 16.82 -15.17
CA LEU D 218 3.08 16.09 -15.15
C LEU D 218 1.91 17.00 -14.82
N GLN D 219 2.14 18.05 -14.03
CA GLN D 219 1.10 19.05 -13.78
C GLN D 219 0.87 19.92 -15.01
N LYS D 220 1.96 20.33 -15.66
CA LYS D 220 1.89 21.15 -16.87
C LYS D 220 0.94 20.56 -17.89
N VAL D 221 0.98 19.23 -18.07
CA VAL D 221 0.13 18.55 -19.06
C VAL D 221 -1.19 18.09 -18.46
N HIS D 222 -1.50 18.53 -17.24
CA HIS D 222 -2.76 18.27 -16.56
C HIS D 222 -2.97 16.80 -16.22
N PHE D 223 -1.88 16.02 -16.14
CA PHE D 223 -2.01 14.67 -15.63
C PHE D 223 -2.11 14.68 -14.11
N ILE D 224 -1.13 15.30 -13.43
CA ILE D 224 -1.25 15.49 -11.99
C ILE D 224 -2.15 16.67 -11.73
N THR D 225 -3.14 16.49 -10.85
CA THR D 225 -4.18 17.46 -10.57
C THR D 225 -4.17 17.97 -9.14
N ASP D 226 -3.69 17.16 -8.19
CA ASP D 226 -3.63 17.57 -6.80
C ASP D 226 -2.42 16.95 -6.13
N THR D 227 -2.01 17.55 -5.01
CA THR D 227 -0.84 17.13 -4.25
C THR D 227 -1.28 16.87 -2.82
N LEU D 228 -1.03 15.65 -2.33
CA LEU D 228 -1.30 15.31 -0.94
C LEU D 228 -0.11 15.63 -0.05
N SER D 229 1.09 15.27 -0.50
CA SER D 229 2.32 15.60 0.18
C SER D 229 3.43 15.52 -0.84
N LYS D 230 4.51 16.23 -0.57
CA LYS D 230 5.60 16.32 -1.54
C LYS D 230 6.87 16.72 -0.81
N GLY D 231 7.90 15.88 -0.88
CA GLY D 231 9.20 16.24 -0.37
C GLY D 231 10.26 16.04 -1.44
N GLU D 232 11.52 15.87 -1.02
CA GLU D 232 12.61 15.75 -1.96
C GLU D 232 12.64 14.40 -2.65
N THR D 233 12.11 13.35 -2.02
CA THR D 233 12.14 12.03 -2.62
C THR D 233 10.79 11.34 -2.74
N LYS D 234 9.72 11.84 -2.13
CA LYS D 234 8.42 11.16 -2.18
C LYS D 234 7.31 12.14 -2.51
N PHE D 235 6.58 11.87 -3.59
CA PHE D 235 5.38 12.61 -3.97
C PHE D 235 4.17 11.71 -3.77
N MET D 236 3.09 12.29 -3.27
CA MET D 236 1.82 11.58 -3.16
C MET D 236 0.71 12.52 -3.61
N GLY D 237 -0.04 12.14 -4.60
CA GLY D 237 -0.99 13.06 -5.15
C GLY D 237 -2.07 12.38 -5.93
N VAL D 238 -2.64 13.14 -6.86
CA VAL D 238 -3.81 12.77 -7.61
C VAL D 238 -3.52 12.99 -9.09
N CYS D 239 -4.04 12.10 -9.94
CA CYS D 239 -3.86 12.25 -11.37
C CYS D 239 -5.15 11.85 -12.09
N GLN D 240 -5.19 12.16 -13.39
CA GLN D 240 -6.37 11.83 -14.20
C GLN D 240 -5.97 11.69 -15.66
N LEU D 241 -6.44 10.62 -16.29
CA LEU D 241 -6.26 10.42 -17.72
C LEU D 241 -7.09 11.43 -18.50
N PRO D 242 -6.60 11.88 -19.65
CA PRO D 242 -7.42 12.74 -20.51
C PRO D 242 -8.50 11.89 -21.18
N SER D 243 -9.66 12.52 -21.35
CA SER D 243 -10.79 11.91 -22.02
C SER D 243 -10.93 12.48 -23.43
N LYS D 244 -11.76 11.83 -24.25
CA LYS D 244 -11.98 12.27 -25.62
C LYS D 244 -13.24 13.13 -25.72
N ASN D 245 -13.44 13.74 -26.89
CA ASN D 245 -14.62 14.59 -27.12
C ASN D 245 -15.90 13.85 -26.76
N ASP D 246 -16.78 14.53 -26.01
CA ASP D 246 -18.08 14.03 -25.56
C ASP D 246 -17.97 12.78 -24.69
N GLU D 247 -16.78 12.44 -24.20
CA GLU D 247 -16.63 11.29 -23.31
C GLU D 247 -16.75 11.72 -21.87
N LYS D 248 -17.39 10.88 -21.05
CA LYS D 248 -17.33 11.06 -19.60
C LYS D 248 -15.87 11.10 -19.15
N GLU D 249 -15.59 11.88 -18.12
CA GLU D 249 -14.22 11.92 -17.66
C GLU D 249 -13.88 10.67 -16.88
N TYR D 250 -12.60 10.31 -16.89
CA TYR D 250 -12.10 9.23 -16.06
C TYR D 250 -12.14 9.64 -14.59
N PRO D 251 -12.23 8.68 -13.68
CA PRO D 251 -12.08 9.01 -12.26
C PRO D 251 -10.69 9.56 -12.00
N HIS D 252 -10.59 10.43 -10.99
CA HIS D 252 -9.27 10.79 -10.50
C HIS D 252 -8.65 9.62 -9.74
N ARG D 253 -7.33 9.52 -9.81
CA ARG D 253 -6.58 8.37 -9.31
C ARG D 253 -5.47 8.82 -8.37
N ARG D 254 -5.17 8.00 -7.38
CA ARG D 254 -4.01 8.21 -6.53
C ARG D 254 -2.74 7.81 -7.26
N ILE D 255 -1.71 8.64 -7.16
CA ILE D 255 -0.40 8.34 -7.71
C ILE D 255 0.66 8.69 -6.67
N ASP D 256 1.58 7.77 -6.44
CA ASP D 256 2.77 7.98 -5.63
C ASP D 256 4.01 7.90 -6.53
N ILE D 257 4.96 8.81 -6.32
CA ILE D 257 6.23 8.75 -7.03
C ILE D 257 7.34 8.78 -5.98
N ARG D 258 8.27 7.84 -6.09
CA ARG D 258 9.35 7.69 -5.14
C ARG D 258 10.66 7.78 -5.91
N LEU D 259 11.45 8.80 -5.61
CA LEU D 259 12.79 8.96 -6.20
C LEU D 259 13.81 8.21 -5.34
N ILE D 260 14.51 7.25 -5.95
CA ILE D 260 15.42 6.38 -5.21
C ILE D 260 16.82 6.54 -5.79
N PRO D 261 17.89 6.49 -4.99
CA PRO D 261 19.23 6.57 -5.56
C PRO D 261 19.43 5.49 -6.61
N LYS D 262 20.08 5.87 -7.72
CA LYS D 262 20.14 4.96 -8.86
C LYS D 262 20.89 3.67 -8.52
N ASP D 263 21.92 3.75 -7.67
CA ASP D 263 22.67 2.54 -7.31
C ASP D 263 21.90 1.65 -6.33
N GLN D 264 20.75 2.11 -5.82
CA GLN D 264 19.92 1.34 -4.91
C GLN D 264 18.59 0.93 -5.55
N TYR D 265 18.59 0.84 -6.89
CA TYR D 265 17.37 0.57 -7.64
C TYR D 265 16.74 -0.77 -7.27
N TYR D 266 17.57 -1.80 -7.04
CA TYR D 266 17.01 -3.13 -6.83
C TYR D 266 16.34 -3.23 -5.47
N CYS D 267 16.93 -2.63 -4.44
CA CYS D 267 16.22 -2.56 -3.17
C CYS D 267 14.94 -1.73 -3.29
N GLY D 268 15.00 -0.66 -4.08
CA GLY D 268 13.82 0.18 -4.24
C GLY D 268 12.70 -0.50 -5.00
N VAL D 269 13.06 -1.21 -6.08
CA VAL D 269 12.01 -1.84 -6.88
C VAL D 269 11.47 -3.07 -6.15
N LEU D 270 12.30 -3.78 -5.40
CA LEU D 270 11.79 -4.84 -4.56
C LEU D 270 10.77 -4.30 -3.57
N TYR D 271 11.10 -3.17 -2.91
CA TYR D 271 10.18 -2.58 -1.94
C TYR D 271 8.89 -2.09 -2.61
N PHE D 272 9.01 -1.31 -3.70
CA PHE D 272 7.82 -0.70 -4.30
C PHE D 272 6.98 -1.72 -5.09
N THR D 273 7.51 -2.91 -5.35
CA THR D 273 6.71 -3.96 -5.97
C THR D 273 5.83 -4.69 -4.97
N GLY D 274 6.29 -4.83 -3.73
CA GLY D 274 5.48 -5.46 -2.70
C GLY D 274 5.09 -6.90 -2.97
N SER D 275 3.93 -7.36 -2.48
CA SER D 275 2.94 -6.57 -1.73
C SER D 275 3.46 -6.06 -0.39
N ASP D 276 2.65 -5.27 0.32
CA ASP D 276 3.07 -4.84 1.65
C ASP D 276 3.29 -6.03 2.57
N ILE D 277 2.37 -6.99 2.56
CA ILE D 277 2.55 -8.17 3.42
C ILE D 277 3.78 -8.95 2.98
N PHE D 278 4.02 -9.04 1.67
CA PHE D 278 5.19 -9.77 1.19
C PHE D 278 6.49 -9.13 1.71
N ASN D 279 6.57 -7.80 1.63
CA ASN D 279 7.70 -7.08 2.21
C ASN D 279 7.83 -7.39 3.70
N LYS D 280 6.72 -7.32 4.44
CA LYS D 280 6.73 -7.62 5.87
C LYS D 280 7.25 -9.02 6.14
N ASN D 281 6.74 -10.01 5.40
CA ASN D 281 7.21 -11.39 5.54
C ASN D 281 8.68 -11.52 5.17
N MET D 282 9.10 -10.89 4.06
CA MET D 282 10.48 -11.02 3.60
C MET D 282 11.45 -10.35 4.56
N ARG D 283 11.09 -9.16 5.07
CA ARG D 283 11.93 -8.49 6.05
C ARG D 283 11.98 -9.25 7.37
N ALA D 284 10.85 -9.81 7.81
CA ALA D 284 10.87 -10.67 9.00
C ALA D 284 11.83 -11.85 8.81
N HIS D 285 11.78 -12.50 7.63
CA HIS D 285 12.70 -13.59 7.37
C HIS D 285 14.15 -13.12 7.36
N ALA D 286 14.42 -11.98 6.73
CA ALA D 286 15.74 -11.38 6.73
C ALA D 286 16.29 -11.24 8.14
N LEU D 287 15.45 -10.76 9.07
CA LEU D 287 15.89 -10.61 10.45
C LEU D 287 16.28 -11.94 11.05
N GLU D 288 15.49 -12.99 10.78
CA GLU D 288 15.84 -14.31 11.32
C GLU D 288 17.12 -14.84 10.71
N LYS D 289 17.47 -14.39 9.51
CA LYS D 289 18.74 -14.73 8.89
C LYS D 289 19.88 -13.78 9.26
N GLY D 290 19.63 -12.77 10.10
CA GLY D 290 20.69 -11.85 10.46
C GLY D 290 20.89 -10.69 9.51
N PHE D 291 19.85 -10.27 8.79
CA PHE D 291 19.95 -9.12 7.91
C PHE D 291 18.77 -8.20 8.18
N THR D 292 18.90 -6.95 7.75
CA THR D 292 17.77 -6.03 7.73
C THR D 292 17.64 -5.44 6.32
N ILE D 293 16.40 -5.37 5.84
CA ILE D 293 16.13 -4.94 4.47
C ILE D 293 15.21 -3.73 4.53
N ASN D 294 15.60 -2.66 3.83
CA ASN D 294 14.69 -1.55 3.58
C ASN D 294 14.71 -1.24 2.08
N GLU D 295 14.12 -0.12 1.67
CA GLU D 295 14.01 0.19 0.24
C GLU D 295 15.31 0.68 -0.35
N TYR D 296 16.35 0.87 0.46
CA TYR D 296 17.66 1.33 0.02
C TYR D 296 18.72 0.23 0.03
N THR D 297 18.77 -0.60 1.07
CA THR D 297 19.91 -1.47 1.27
C THR D 297 19.46 -2.76 1.93
N ILE D 298 20.29 -3.79 1.84
CA ILE D 298 20.28 -4.90 2.77
C ILE D 298 21.59 -4.86 3.54
N ARG D 299 21.49 -4.93 4.87
CA ARG D 299 22.65 -4.81 5.73
C ARG D 299 22.69 -5.98 6.70
N PRO D 300 23.87 -6.49 7.05
CA PRO D 300 23.94 -7.49 8.10
C PRO D 300 23.68 -6.86 9.45
N LEU D 301 23.11 -7.66 10.36
CA LEU D 301 22.96 -7.27 11.75
C LEU D 301 24.12 -7.84 12.56
N GLY D 302 24.84 -6.98 13.26
CA GLY D 302 25.91 -7.42 14.15
C GLY D 302 25.39 -8.13 15.39
N VAL D 303 26.35 -8.52 16.23
CA VAL D 303 26.04 -9.23 17.47
C VAL D 303 25.13 -8.40 18.37
N THR D 304 25.32 -7.08 18.34
CA THR D 304 24.56 -6.15 19.15
C THR D 304 23.23 -5.75 18.53
N GLY D 305 22.99 -6.14 17.28
CA GLY D 305 21.81 -5.70 16.58
C GLY D 305 21.95 -4.39 15.84
N VAL D 306 23.14 -3.81 15.80
CA VAL D 306 23.35 -2.61 14.99
C VAL D 306 23.57 -3.05 13.54
N ALA D 307 22.83 -2.41 12.63
CA ALA D 307 22.98 -2.72 11.22
C ALA D 307 24.38 -2.35 10.75
N GLY D 308 25.00 -3.27 10.01
CA GLY D 308 26.30 -3.03 9.42
C GLY D 308 26.18 -2.32 8.09
N GLU D 309 27.25 -2.46 7.28
CA GLU D 309 27.36 -1.73 6.02
C GLU D 309 26.56 -2.42 4.93
N PRO D 310 25.96 -1.64 4.02
CA PRO D 310 25.18 -2.22 2.92
C PRO D 310 25.99 -3.22 2.12
N LEU D 311 25.34 -4.31 1.78
CA LEU D 311 25.96 -5.39 1.02
C LEU D 311 25.80 -5.13 -0.48
N PRO D 312 26.70 -5.65 -1.31
CA PRO D 312 26.56 -5.44 -2.76
C PRO D 312 25.29 -6.10 -3.29
N VAL D 313 24.57 -5.37 -4.13
CA VAL D 313 23.31 -5.85 -4.70
C VAL D 313 23.33 -5.53 -6.19
N ASP D 314 23.21 -6.56 -7.03
CA ASP D 314 23.21 -6.35 -8.48
C ASP D 314 21.96 -6.86 -9.16
N SER D 315 20.96 -7.27 -8.39
CA SER D 315 19.68 -7.69 -8.96
C SER D 315 18.73 -7.89 -7.79
N GLU D 316 17.45 -8.04 -8.12
CA GLU D 316 16.49 -8.41 -7.09
C GLU D 316 16.84 -9.76 -6.50
N LYS D 317 17.32 -10.68 -7.33
CA LYS D 317 17.60 -12.04 -6.86
C LYS D 317 18.74 -12.05 -5.86
N ASP D 318 19.73 -11.16 -6.02
CA ASP D 318 20.80 -11.06 -5.02
C ASP D 318 20.22 -10.89 -3.62
N ILE D 319 19.17 -10.07 -3.50
CA ILE D 319 18.55 -9.86 -2.18
C ILE D 319 17.98 -11.17 -1.65
N PHE D 320 17.21 -11.87 -2.48
CA PHE D 320 16.69 -13.19 -2.09
C PHE D 320 17.82 -14.12 -1.67
N ASP D 321 18.92 -14.11 -2.41
CA ASP D 321 20.04 -15.02 -2.16
C ASP D 321 20.66 -14.79 -0.80
N TYR D 322 20.77 -13.53 -0.35
CA TYR D 322 21.36 -13.25 0.95
C TYR D 322 20.56 -13.91 2.07
N ILE D 323 19.25 -13.94 1.94
CA ILE D 323 18.41 -14.47 3.01
C ILE D 323 17.98 -15.90 2.71
N GLN D 324 18.52 -16.51 1.66
CA GLN D 324 18.39 -17.93 1.39
C GLN D 324 16.94 -18.32 1.11
N TRP D 325 16.25 -17.43 0.41
CA TRP D 325 14.98 -17.66 -0.23
C TRP D 325 15.20 -17.92 -1.71
N LYS D 326 14.49 -18.90 -2.26
CA LYS D 326 14.45 -19.03 -3.71
C LYS D 326 13.75 -17.81 -4.30
N TYR D 327 14.14 -17.45 -5.52
CA TYR D 327 13.63 -16.23 -6.13
C TYR D 327 12.15 -16.36 -6.42
N ARG D 328 11.42 -15.27 -6.24
CA ARG D 328 10.01 -15.24 -6.56
C ARG D 328 9.77 -14.08 -7.50
N GLU D 329 9.25 -14.38 -8.67
CA GLU D 329 8.86 -13.35 -9.64
C GLU D 329 7.78 -12.46 -9.03
N PRO D 330 7.66 -11.21 -9.49
CA PRO D 330 6.66 -10.30 -8.91
C PRO D 330 5.26 -10.88 -8.88
N LYS D 331 4.87 -11.66 -9.89
CA LYS D 331 3.54 -12.27 -9.93
C LYS D 331 3.28 -13.15 -8.72
N ASP D 332 4.32 -13.73 -8.13
CA ASP D 332 4.14 -14.60 -6.98
C ASP D 332 4.36 -13.88 -5.66
N ARG D 333 4.31 -12.54 -5.66
CA ARG D 333 4.53 -11.80 -4.42
C ARG D 333 3.26 -11.13 -3.91
N SER D 334 2.10 -11.56 -4.40
CA SER D 334 0.83 -10.94 -4.02
C SER D 334 0.29 -11.61 -2.76
N GLU D 335 0.94 -11.31 -1.64
CA GLU D 335 0.50 -11.85 -0.36
C GLU D 335 -0.37 -10.83 0.37
PA VA5 E . 0.39 0.14 -2.21
O1A VA5 E . -0.07 0.97 -3.39
O2A VA5 E . -0.42 0.49 -1.03
O3A VA5 E . 0.18 -1.44 -2.49
O5' VA5 E . 1.95 0.35 -1.88
PB VA5 E . -0.02 -2.16 -3.90
O2B VA5 E . 0.79 -3.46 -3.82
O1B VA5 E . 0.47 -1.29 -5.07
C3B VA5 E . -1.78 -2.64 -4.09
F3B VA5 E . -1.89 -3.96 -4.44
CL1 VA5 E . -2.52 -2.50 -2.55
PG VA5 E . -2.66 -1.55 -5.24
O1G VA5 E . -2.28 -0.11 -4.92
O2G VA5 E . -4.10 -1.77 -5.05
O3G VA5 E . -2.26 -1.89 -6.67
C5' VA5 E . 2.92 0.06 -2.90
C4' VA5 E . 4.35 -0.43 -2.43
O4' VA5 E . 4.81 0.08 -1.37
C1' VA5 E . 4.41 -1.05 -0.47
N9 VA5 E . 4.23 -0.95 0.85
C4 VA5 E . 4.89 -1.41 1.94
N3 VA5 E . 6.09 -2.02 2.22
C2 VA5 E . 6.40 -2.29 3.49
N1 VA5 E . 5.60 -2.00 4.52
C6 VA5 E . 4.41 -1.40 4.34
N6 VA5 E . 3.50 -1.05 5.36
C5 VA5 E . 4.03 -1.09 3.01
N7 VA5 E . 2.91 -0.49 2.52
C8 VA5 E . 3.05 -0.45 1.21
C2' VA5 E . 4.84 -2.34 -1.10
C3' VA5 E . 4.48 -2.05 -2.31
O3' VA5 E . 3.23 -2.73 -2.82
MG MG F . -0.30 0.64 -5.39
NA NA G . -7.98 7.28 5.97
NA NA H . -0.78 -21.54 13.60
NA NA I . 0.40 3.64 -3.62
CL CL J . -1.86 -4.14 19.59
#